data_7BD2
#
_entry.id   7BD2
#
_cell.length_a   59.670
_cell.length_b   73.880
_cell.length_c   78.540
_cell.angle_alpha   90.000
_cell.angle_beta   90.000
_cell.angle_gamma   90.000
#
_symmetry.space_group_name_H-M   'P 21 21 21'
#
loop_
_entity.id
_entity.type
_entity.pdbx_description
1 polymer 'Palmitoleoyl-protein carboxylesterase NOTUM'
2 non-polymer 'SULFATE ION'
3 non-polymer 'DIMETHYL SULFOXIDE'
4 non-polymer N-[2-(4-hydroxyphenyl)ethyl]pyridine-2-carboxamide
5 water water
#
_entity_poly.entity_id   1
_entity_poly.type   'polypeptide(L)'
_entity_poly.pdbx_seq_one_letter_code
;ETGSAQQLNEDLRLHLLLNTSVTCNDGSPAGYYLKESRGSRRWLLFLEGGWYCFNRENCDSRYDTMRRLMSSRDWPRTRT
GTGILSSQPEENPYWWNANMVFIPYCSSDVWSGASSKSEKNEYAFMGALIIQEVVRELLGRGLSGAKVLLLAGSSAGGTG
VLLNVDRVAEQLEKLGYPAIQVRGLADSGWFLDNKQYRHTDCVDTITCAPTEAIRRGIRYWNGVVPERCRRQFQEGEEWN
CFFGYKVYPTLRSPVFVVQWLFDEAQLTVDNVHLTGQPVQEGLRLYIQNLGRELRHTLKDVPASFAPACLSHEIIIRSHW
TDVQVKGTSLPRALHCWDRSLHDSHKASKTPLKGCPVHLVDSCPWPHCNPSCPTGTKHHHHHH
;
_entity_poly.pdbx_strand_id   A
#
loop_
_chem_comp.id
_chem_comp.type
_chem_comp.name
_chem_comp.formula
DMS non-polymer 'DIMETHYL SULFOXIDE' 'C2 H6 O S'
NUM non-polymer N-[2-(4-hydroxyphenyl)ethyl]pyridine-2-carboxamide 'C14 H14 N2 O2'
SO4 non-polymer 'SULFATE ION' 'O4 S -2'
#
# COMPACT_ATOMS: atom_id res chain seq x y z
N ASP A 11 -9.87 -4.22 19.43
CA ASP A 11 -9.99 -5.26 18.41
C ASP A 11 -10.90 -4.83 17.27
N LEU A 12 -10.49 -5.18 16.05
CA LEU A 12 -11.31 -5.04 14.86
C LEU A 12 -12.00 -6.38 14.57
N ARG A 13 -13.28 -6.34 14.23
CA ARG A 13 -14.10 -7.53 14.06
C ARG A 13 -14.28 -7.88 12.58
N LEU A 14 -14.18 -9.18 12.27
CA LEU A 14 -14.29 -9.67 10.89
C LEU A 14 -15.72 -9.61 10.36
N HIS A 15 -15.85 -9.14 9.11
CA HIS A 15 -17.07 -9.27 8.31
C HIS A 15 -16.72 -9.85 6.95
N LEU A 16 -17.29 -11.02 6.62
CA LEU A 16 -17.16 -11.54 5.26
C LEU A 16 -18.09 -10.77 4.33
N LEU A 17 -17.64 -10.56 3.08
CA LEU A 17 -18.44 -9.76 2.15
C LEU A 17 -19.81 -10.41 1.91
N LEU A 18 -20.84 -9.56 1.88
CA LEU A 18 -22.18 -10.03 1.59
C LEU A 18 -22.35 -10.47 0.14
N ASN A 19 -21.61 -9.85 -0.79
CA ASN A 19 -21.54 -10.33 -2.17
C ASN A 19 -20.51 -11.44 -2.23
N THR A 20 -20.98 -12.69 -2.15
CA THR A 20 -20.08 -13.84 -2.09
C THR A 20 -19.45 -14.18 -3.43
N SER A 21 -19.77 -13.45 -4.51
CA SER A 21 -19.07 -13.61 -5.77
CA SER A 21 -19.07 -13.61 -5.77
C SER A 21 -17.77 -12.81 -5.84
N VAL A 22 -17.47 -12.02 -4.82
CA VAL A 22 -16.21 -11.28 -4.71
C VAL A 22 -15.34 -12.10 -3.76
N THR A 23 -14.32 -12.77 -4.29
CA THR A 23 -13.70 -13.87 -3.55
C THR A 23 -12.18 -13.73 -3.46
N CYS A 24 -11.64 -14.44 -2.47
CA CYS A 24 -10.22 -14.74 -2.40
C CYS A 24 -9.83 -15.72 -3.52
N ASN A 25 -8.52 -16.05 -3.59
CA ASN A 25 -8.00 -16.87 -4.69
C ASN A 25 -8.77 -18.18 -4.86
N ASP A 26 -9.14 -18.84 -3.76
CA ASP A 26 -9.73 -20.18 -3.83
C ASP A 26 -11.25 -20.18 -3.90
N GLY A 27 -11.88 -19.01 -4.03
CA GLY A 27 -13.33 -18.92 -4.12
C GLY A 27 -14.04 -18.67 -2.81
N SER A 28 -13.34 -18.70 -1.69
CA SER A 28 -13.94 -18.32 -0.42
C SER A 28 -14.20 -16.81 -0.39
N PRO A 29 -15.17 -16.35 0.40
CA PRO A 29 -15.49 -14.92 0.38
C PRO A 29 -14.34 -14.07 0.90
N ALA A 30 -14.13 -12.92 0.27
CA ALA A 30 -13.22 -11.94 0.85
C ALA A 30 -13.90 -11.22 2.01
N GLY A 31 -13.19 -10.27 2.63
CA GLY A 31 -13.77 -9.61 3.79
C GLY A 31 -12.94 -8.43 4.29
N TYR A 32 -13.30 -7.95 5.49
CA TYR A 32 -12.62 -6.82 6.15
C TYR A 32 -12.82 -6.92 7.66
N TYR A 33 -11.87 -6.33 8.41
CA TYR A 33 -11.99 -6.19 9.86
C TYR A 33 -12.30 -4.73 10.19
N LEU A 34 -13.26 -4.49 11.10
CA LEU A 34 -13.78 -3.14 11.35
C LEU A 34 -13.88 -2.84 12.85
N LYS A 35 -13.45 -1.63 13.23
CA LYS A 35 -13.75 -1.05 14.55
C LYS A 35 -14.29 0.36 14.31
N GLU A 36 -15.56 0.56 14.63
CA GLU A 36 -16.21 1.86 14.43
C GLU A 36 -15.87 2.83 15.54
N SER A 37 -15.77 4.11 15.19
CA SER A 37 -15.65 5.22 16.15
C SER A 37 -16.71 6.25 15.79
N ARG A 38 -17.86 6.19 16.47
CA ARG A 38 -19.00 6.99 16.03
C ARG A 38 -18.82 8.48 16.30
N GLY A 39 -17.87 8.87 17.13
CA GLY A 39 -17.58 10.27 17.24
C GLY A 39 -16.67 10.85 16.17
N SER A 40 -16.31 10.07 15.15
CA SER A 40 -15.33 10.49 14.16
C SER A 40 -15.86 10.36 12.75
N ARG A 41 -15.51 11.33 11.90
CA ARG A 41 -15.83 11.30 10.48
C ARG A 41 -14.60 10.98 9.63
N ARG A 42 -13.55 10.43 10.23
CA ARG A 42 -12.38 9.95 9.50
C ARG A 42 -12.40 8.43 9.40
N TRP A 43 -12.05 7.90 8.22
CA TRP A 43 -12.06 6.46 7.95
C TRP A 43 -10.72 6.05 7.34
N LEU A 44 -10.07 5.07 7.96
CA LEU A 44 -8.79 4.55 7.51
C LEU A 44 -8.99 3.11 7.02
N LEU A 45 -8.71 2.88 5.72
CA LEU A 45 -8.84 1.56 5.10
C LEU A 45 -7.44 1.10 4.72
N PHE A 46 -6.94 0.08 5.42
CA PHE A 46 -5.57 -0.39 5.27
C PHE A 46 -5.48 -1.67 4.43
N LEU A 47 -4.64 -1.65 3.40
CA LEU A 47 -4.40 -2.81 2.53
C LEU A 47 -3.17 -3.61 2.97
N GLU A 48 -3.37 -4.87 3.38
CA GLU A 48 -2.26 -5.75 3.72
C GLU A 48 -1.40 -6.08 2.50
N GLY A 49 -0.11 -6.34 2.75
CA GLY A 49 0.80 -6.80 1.72
C GLY A 49 1.17 -8.28 1.84
N GLY A 50 2.18 -8.68 1.07
CA GLY A 50 2.69 -10.06 1.04
C GLY A 50 3.02 -10.65 -0.34
N TRP A 51 3.89 -9.98 -1.11
CA TRP A 51 4.31 -10.36 -2.47
C TRP A 51 3.12 -10.68 -3.38
N TYR A 52 3.22 -11.72 -4.21
CA TYR A 52 2.22 -12.06 -5.22
C TYR A 52 2.59 -13.41 -5.83
N CYS A 53 1.71 -13.96 -6.68
CA CYS A 53 2.08 -15.14 -7.46
C CYS A 53 1.62 -14.96 -8.90
N PHE A 54 2.36 -15.55 -9.85
CA PHE A 54 2.17 -15.14 -11.25
C PHE A 54 1.94 -16.27 -12.25
N ASN A 55 1.84 -17.52 -11.82
CA ASN A 55 1.46 -18.61 -12.72
C ASN A 55 0.92 -19.76 -11.86
N ARG A 56 0.46 -20.82 -12.52
CA ARG A 56 -0.25 -21.89 -11.80
C ARG A 56 0.66 -22.60 -10.81
N GLU A 57 1.87 -22.94 -11.24
CA GLU A 57 2.80 -23.66 -10.36
C GLU A 57 3.23 -22.80 -9.19
N ASN A 58 3.50 -21.52 -9.44
CA ASN A 58 3.90 -20.60 -8.38
C ASN A 58 2.75 -20.35 -7.39
N CYS A 59 1.52 -20.21 -7.89
CA CYS A 59 0.38 -20.03 -6.99
C CYS A 59 0.05 -21.30 -6.21
N ASP A 60 0.23 -22.48 -6.82
CA ASP A 60 0.04 -23.74 -6.10
C ASP A 60 0.96 -23.84 -4.88
N SER A 61 2.22 -23.42 -5.03
N SER A 61 2.22 -23.42 -5.02
CA SER A 61 3.14 -23.47 -3.90
CA SER A 61 3.12 -23.48 -3.88
C SER A 61 2.71 -22.51 -2.79
C SER A 61 2.68 -22.51 -2.79
N ARG A 62 2.24 -21.31 -3.17
CA ARG A 62 1.74 -20.34 -2.19
C ARG A 62 0.53 -20.89 -1.44
N TYR A 63 -0.32 -21.68 -2.12
CA TYR A 63 -1.51 -22.23 -1.47
C TYR A 63 -1.14 -23.27 -0.44
N ASP A 64 0.04 -23.89 -0.58
CA ASP A 64 0.44 -24.94 0.33
C ASP A 64 0.95 -24.39 1.66
N THR A 65 1.67 -23.27 1.64
CA THR A 65 2.35 -22.77 2.83
C THR A 65 2.12 -21.29 3.13
N MET A 66 1.25 -20.60 2.37
CA MET A 66 0.83 -19.23 2.66
C MET A 66 -0.67 -19.08 2.40
N ARG A 67 -1.45 -20.03 2.93
CA ARG A 67 -2.85 -20.17 2.52
C ARG A 67 -3.73 -19.02 3.05
N ARG A 68 -3.39 -18.42 4.19
CA ARG A 68 -4.18 -17.27 4.64
C ARG A 68 -4.10 -16.09 3.68
N LEU A 69 -3.06 -16.04 2.84
CA LEU A 69 -2.95 -15.03 1.78
C LEU A 69 -3.69 -15.44 0.50
N MET A 70 -4.49 -16.53 0.56
CA MET A 70 -5.20 -17.04 -0.61
C MET A 70 -6.62 -17.49 -0.31
N SER A 71 -7.09 -17.32 0.92
CA SER A 71 -8.30 -17.97 1.42
C SER A 71 -8.72 -17.35 2.73
N SER A 72 -10.03 -17.25 2.97
CA SER A 72 -10.58 -16.79 4.25
C SER A 72 -11.00 -17.93 5.18
N ARG A 73 -10.79 -19.19 4.76
CA ARG A 73 -11.37 -20.32 5.48
C ARG A 73 -10.85 -20.43 6.92
N ASP A 74 -9.63 -19.93 7.18
CA ASP A 74 -9.00 -20.02 8.50
C ASP A 74 -8.79 -18.67 9.18
N TRP A 75 -9.44 -17.61 8.71
CA TRP A 75 -9.23 -16.29 9.31
C TRP A 75 -9.82 -16.25 10.73
N PRO A 76 -9.19 -15.52 11.65
CA PRO A 76 -9.75 -15.38 13.00
C PRO A 76 -10.84 -14.32 13.06
N ARG A 77 -11.63 -14.40 14.14
CA ARG A 77 -12.79 -13.52 14.28
C ARG A 77 -12.39 -12.07 14.52
N THR A 78 -11.23 -11.84 15.14
CA THR A 78 -10.79 -10.50 15.49
C THR A 78 -9.32 -10.33 15.14
N ARG A 79 -8.91 -9.06 15.07
CA ARG A 79 -7.52 -8.64 14.91
C ARG A 79 -7.28 -7.43 15.79
N THR A 80 -6.07 -7.33 16.34
CA THR A 80 -5.67 -6.17 17.13
C THR A 80 -5.14 -5.07 16.21
N GLY A 81 -5.65 -3.86 16.37
CA GLY A 81 -5.13 -2.72 15.60
C GLY A 81 -3.83 -2.21 16.19
N THR A 82 -2.80 -2.07 15.35
CA THR A 82 -1.47 -1.67 15.78
C THR A 82 -0.97 -0.51 14.92
N GLY A 83 -0.08 0.30 15.50
CA GLY A 83 0.46 1.44 14.78
C GLY A 83 -0.63 2.43 14.40
N ILE A 84 -0.69 2.77 13.10
CA ILE A 84 -1.70 3.71 12.60
C ILE A 84 -3.11 3.15 12.75
N LEU A 85 -3.25 1.83 12.96
CA LEU A 85 -4.56 1.24 13.24
C LEU A 85 -4.88 1.16 14.74
N SER A 86 -4.00 1.64 15.62
CA SER A 86 -4.26 1.64 17.05
C SER A 86 -5.20 2.77 17.44
N SER A 87 -6.08 2.50 18.41
CA SER A 87 -6.98 3.51 18.98
C SER A 87 -6.41 4.19 20.22
N GLN A 88 -5.18 3.90 20.61
CA GLN A 88 -4.57 4.50 21.80
C GLN A 88 -3.74 5.72 21.40
N PRO A 89 -3.98 6.91 21.97
CA PRO A 89 -3.21 8.10 21.54
C PRO A 89 -1.70 7.95 21.66
N GLU A 90 -1.24 7.23 22.69
CA GLU A 90 0.20 7.06 22.89
C GLU A 90 0.84 6.24 21.77
N GLU A 91 0.13 5.23 21.24
CA GLU A 91 0.65 4.45 20.11
C GLU A 91 0.39 5.13 18.77
N ASN A 92 -0.67 5.92 18.65
CA ASN A 92 -1.11 6.50 17.38
C ASN A 92 -1.45 7.98 17.58
N PRO A 93 -0.44 8.85 17.61
CA PRO A 93 -0.72 10.29 17.80
C PRO A 93 -1.44 10.92 16.63
N TYR A 94 -1.45 10.26 15.47
CA TYR A 94 -2.03 10.82 14.25
C TYR A 94 -3.55 10.69 14.22
N TRP A 95 -4.07 9.46 14.19
CA TRP A 95 -5.48 9.23 13.87
C TRP A 95 -6.12 8.25 14.87
N TRP A 96 -5.77 8.35 16.16
CA TRP A 96 -6.25 7.37 17.14
C TRP A 96 -7.78 7.32 17.28
N ASN A 97 -8.51 8.38 16.93
CA ASN A 97 -9.96 8.37 17.09
C ASN A 97 -10.72 7.97 15.82
N ALA A 98 -10.02 7.54 14.77
CA ALA A 98 -10.67 7.25 13.49
C ALA A 98 -11.41 5.90 13.50
N ASN A 99 -12.31 5.74 12.53
CA ASN A 99 -12.86 4.44 12.18
C ASN A 99 -11.79 3.60 11.48
N MET A 100 -11.55 2.38 11.97
CA MET A 100 -10.41 1.57 11.55
C MET A 100 -10.85 0.36 10.73
N VAL A 101 -10.25 0.17 9.55
CA VAL A 101 -10.54 -0.99 8.67
C VAL A 101 -9.24 -1.64 8.22
N PHE A 102 -9.12 -2.96 8.41
CA PHE A 102 -8.02 -3.77 7.90
C PHE A 102 -8.60 -4.72 6.85
N ILE A 103 -8.11 -4.64 5.61
CA ILE A 103 -8.58 -5.44 4.49
C ILE A 103 -7.52 -6.51 4.21
N PRO A 104 -7.79 -7.78 4.52
CA PRO A 104 -6.78 -8.82 4.27
C PRO A 104 -6.50 -9.01 2.79
N TYR A 105 -5.23 -9.30 2.50
CA TYR A 105 -4.74 -9.55 1.14
C TYR A 105 -4.89 -11.04 0.85
N CYS A 106 -5.92 -11.41 0.08
CA CYS A 106 -6.10 -12.82 -0.26
C CYS A 106 -6.27 -13.03 -1.77
N SER A 107 -5.75 -12.10 -2.59
CA SER A 107 -5.86 -12.18 -4.04
C SER A 107 -4.54 -12.30 -4.79
N SER A 108 -3.38 -12.11 -4.13
CA SER A 108 -2.07 -12.49 -4.69
C SER A 108 -1.73 -11.76 -6.00
N ASP A 109 -2.32 -10.56 -6.17
CA ASP A 109 -2.29 -9.84 -7.44
C ASP A 109 -1.93 -8.35 -7.28
N VAL A 110 -1.28 -7.98 -6.17
CA VAL A 110 -0.92 -6.59 -5.89
C VAL A 110 -2.17 -5.70 -5.96
N TRP A 111 -3.33 -6.26 -5.60
CA TRP A 111 -4.61 -5.54 -5.54
C TRP A 111 -5.05 -5.03 -6.92
N SER A 112 -4.63 -5.70 -8.01
CA SER A 112 -4.92 -5.23 -9.37
C SER A 112 -5.95 -6.06 -10.12
N GLY A 113 -6.31 -7.23 -9.61
CA GLY A 113 -7.00 -8.21 -10.44
C GLY A 113 -8.51 -7.97 -10.56
N ALA A 114 -9.05 -8.47 -11.67
CA ALA A 114 -10.48 -8.46 -11.92
C ALA A 114 -10.86 -9.70 -12.73
N SER A 115 -10.62 -10.89 -12.16
N SER A 115 -10.61 -10.89 -12.18
CA SER A 115 -10.89 -12.16 -12.84
CA SER A 115 -10.93 -12.14 -12.88
C SER A 115 -11.44 -13.17 -11.85
C SER A 115 -11.42 -13.20 -11.90
N SER A 116 -12.55 -13.82 -12.22
CA SER A 116 -13.18 -14.82 -11.37
C SER A 116 -12.64 -16.21 -11.67
N LYS A 117 -12.73 -17.08 -10.67
CA LYS A 117 -12.50 -18.51 -10.89
C LYS A 117 -13.57 -19.06 -11.83
N SER A 118 -13.18 -19.97 -12.71
CA SER A 118 -14.08 -20.45 -13.76
C SER A 118 -13.57 -21.80 -14.27
N GLU A 119 -14.24 -22.33 -15.31
CA GLU A 119 -13.80 -23.59 -15.90
C GLU A 119 -12.39 -23.49 -16.47
N LYS A 120 -11.93 -22.29 -16.84
CA LYS A 120 -10.60 -22.09 -17.38
C LYS A 120 -9.62 -21.44 -16.41
N ASN A 121 -10.07 -21.05 -15.21
CA ASN A 121 -9.20 -20.41 -14.24
C ASN A 121 -9.25 -21.18 -12.92
N GLU A 122 -8.12 -21.76 -12.52
CA GLU A 122 -8.06 -22.42 -11.22
C GLU A 122 -8.26 -21.45 -10.07
N TYR A 123 -7.79 -20.21 -10.20
CA TYR A 123 -7.84 -19.23 -9.13
C TYR A 123 -8.57 -17.96 -9.56
N ALA A 124 -9.17 -17.28 -8.59
CA ALA A 124 -9.74 -15.95 -8.78
C ALA A 124 -8.74 -14.88 -8.36
N PHE A 125 -8.62 -13.82 -9.16
CA PHE A 125 -7.74 -12.69 -8.85
C PHE A 125 -8.59 -11.43 -8.89
N MET A 126 -9.09 -11.00 -7.72
CA MET A 126 -10.17 -10.01 -7.65
C MET A 126 -9.80 -8.81 -6.77
N GLY A 127 -8.51 -8.51 -6.61
CA GLY A 127 -8.08 -7.48 -5.67
C GLY A 127 -8.72 -6.12 -5.90
N ALA A 128 -8.78 -5.67 -7.16
CA ALA A 128 -9.39 -4.37 -7.44
C ALA A 128 -10.88 -4.37 -7.13
N LEU A 129 -11.54 -5.51 -7.31
CA LEU A 129 -12.97 -5.61 -7.04
C LEU A 129 -13.25 -5.75 -5.54
N ILE A 130 -12.35 -6.42 -4.81
CA ILE A 130 -12.48 -6.49 -3.34
C ILE A 130 -12.50 -5.09 -2.72
N ILE A 131 -11.59 -4.20 -3.16
CA ILE A 131 -11.56 -2.85 -2.60
C ILE A 131 -12.88 -2.13 -2.85
N GLN A 132 -13.40 -2.22 -4.08
CA GLN A 132 -14.63 -1.50 -4.37
C GLN A 132 -15.83 -2.07 -3.61
N GLU A 133 -15.87 -3.40 -3.38
CA GLU A 133 -17.00 -3.99 -2.66
C GLU A 133 -16.93 -3.66 -1.17
N VAL A 134 -15.73 -3.63 -0.59
CA VAL A 134 -15.58 -3.19 0.80
C VAL A 134 -16.11 -1.78 0.96
N VAL A 135 -15.69 -0.88 0.07
CA VAL A 135 -16.17 0.50 0.13
C VAL A 135 -17.70 0.56 0.07
N ARG A 136 -18.30 -0.21 -0.85
CA ARG A 136 -19.76 -0.20 -1.00
C ARG A 136 -20.46 -0.67 0.27
N GLU A 137 -19.97 -1.76 0.86
CA GLU A 137 -20.64 -2.29 2.05
C GLU A 137 -20.43 -1.40 3.28
N LEU A 138 -19.30 -0.69 3.36
CA LEU A 138 -19.06 0.24 4.48
C LEU A 138 -19.98 1.45 4.43
N LEU A 139 -20.47 1.82 3.25
CA LEU A 139 -21.30 3.02 3.16
C LEU A 139 -22.54 2.90 4.04
N GLY A 140 -23.09 1.69 4.16
CA GLY A 140 -24.22 1.41 5.05
C GLY A 140 -23.88 1.25 6.52
N ARG A 141 -22.59 1.24 6.88
CA ARG A 141 -22.15 1.16 8.26
C ARG A 141 -21.53 2.47 8.76
N GLY A 142 -21.76 3.58 8.07
CA GLY A 142 -21.30 4.88 8.53
C GLY A 142 -20.40 5.63 7.58
N LEU A 143 -19.82 4.98 6.57
CA LEU A 143 -18.91 5.67 5.67
C LEU A 143 -19.62 6.77 4.88
N SER A 144 -20.95 6.68 4.74
CA SER A 144 -21.70 7.71 4.02
C SER A 144 -21.56 9.08 4.66
N GLY A 145 -21.27 9.14 5.96
CA GLY A 145 -21.10 10.40 6.64
C GLY A 145 -19.68 10.88 6.77
N ALA A 146 -18.71 10.24 6.12
CA ALA A 146 -17.29 10.54 6.29
C ALA A 146 -16.93 11.90 5.70
N LYS A 147 -15.89 12.52 6.27
CA LYS A 147 -15.24 13.67 5.67
C LYS A 147 -13.96 13.30 4.92
N VAL A 148 -13.22 12.30 5.39
CA VAL A 148 -11.97 11.88 4.79
C VAL A 148 -11.92 10.36 4.78
N LEU A 149 -11.63 9.76 3.62
CA LEU A 149 -11.30 8.34 3.51
C LEU A 149 -9.82 8.26 3.13
N LEU A 150 -8.99 7.75 4.06
CA LEU A 150 -7.56 7.53 3.79
C LEU A 150 -7.36 6.06 3.43
N LEU A 151 -6.97 5.80 2.16
CA LEU A 151 -6.63 4.46 1.70
C LEU A 151 -5.14 4.26 1.90
N ALA A 152 -4.76 3.41 2.84
CA ALA A 152 -3.37 3.17 3.23
C ALA A 152 -2.97 1.73 2.93
N GLY A 153 -1.67 1.43 2.95
CA GLY A 153 -1.22 0.04 2.71
C GLY A 153 0.29 -0.05 2.81
N SER A 154 0.77 -1.29 3.07
CA SER A 154 2.20 -1.57 3.21
C SER A 154 2.64 -2.63 2.22
N SER A 155 3.83 -2.43 1.63
CA SER A 155 4.47 -3.39 0.70
C SER A 155 3.58 -3.58 -0.53
N ALA A 156 3.15 -4.80 -0.89
CA ALA A 156 2.21 -4.95 -2.00
C ALA A 156 0.94 -4.10 -1.80
N GLY A 157 0.53 -3.88 -0.54
CA GLY A 157 -0.61 -3.01 -0.26
C GLY A 157 -0.30 -1.54 -0.49
N GLY A 158 0.97 -1.13 -0.30
CA GLY A 158 1.34 0.25 -0.65
C GLY A 158 1.28 0.49 -2.15
N THR A 159 1.79 -0.47 -2.95
CA THR A 159 1.59 -0.37 -4.40
C THR A 159 0.10 -0.39 -4.76
N GLY A 160 -0.69 -1.19 -4.02
CA GLY A 160 -2.13 -1.25 -4.24
C GLY A 160 -2.84 0.08 -4.03
N VAL A 161 -2.35 0.88 -3.08
CA VAL A 161 -2.89 2.23 -2.91
C VAL A 161 -2.71 3.03 -4.21
N LEU A 162 -1.50 3.01 -4.76
CA LEU A 162 -1.23 3.78 -5.97
C LEU A 162 -2.12 3.32 -7.13
N LEU A 163 -2.41 2.02 -7.20
CA LEU A 163 -3.20 1.49 -8.31
C LEU A 163 -4.69 1.73 -8.15
N ASN A 164 -5.17 2.01 -6.91
CA ASN A 164 -6.61 2.02 -6.66
C ASN A 164 -7.19 3.31 -6.08
N VAL A 165 -6.36 4.27 -5.62
CA VAL A 165 -6.92 5.44 -4.90
C VAL A 165 -7.83 6.28 -5.81
N ASP A 166 -7.45 6.48 -7.08
CA ASP A 166 -8.29 7.28 -7.96
C ASP A 166 -9.57 6.54 -8.36
N ARG A 167 -9.53 5.20 -8.42
CA ARG A 167 -10.75 4.45 -8.70
C ARG A 167 -11.74 4.54 -7.55
N VAL A 168 -11.25 4.53 -6.31
CA VAL A 168 -12.15 4.73 -5.16
C VAL A 168 -12.78 6.12 -5.21
N ALA A 169 -11.98 7.14 -5.54
CA ALA A 169 -12.51 8.50 -5.64
C ALA A 169 -13.60 8.60 -6.69
N GLU A 170 -13.39 7.94 -7.84
CA GLU A 170 -14.40 7.97 -8.90
C GLU A 170 -15.64 7.17 -8.50
N GLN A 171 -15.45 6.02 -7.83
CA GLN A 171 -16.57 5.24 -7.33
C GLN A 171 -17.48 6.09 -6.45
N LEU A 172 -16.88 6.83 -5.52
CA LEU A 172 -17.70 7.58 -4.56
C LEU A 172 -18.38 8.76 -5.24
N GLU A 173 -17.70 9.44 -6.17
CA GLU A 173 -18.34 10.51 -6.93
C GLU A 173 -19.54 9.99 -7.72
N LYS A 174 -19.38 8.86 -8.40
CA LYS A 174 -20.44 8.32 -9.23
C LYS A 174 -21.62 7.82 -8.41
N LEU A 175 -21.39 7.35 -7.18
CA LEU A 175 -22.45 6.90 -6.31
C LEU A 175 -23.19 8.05 -5.62
N GLY A 176 -22.69 9.27 -5.69
CA GLY A 176 -23.38 10.42 -5.14
C GLY A 176 -22.86 10.93 -3.81
N TYR A 177 -21.58 10.70 -3.50
CA TYR A 177 -20.97 11.12 -2.24
C TYR A 177 -19.83 12.08 -2.56
N PRO A 178 -20.15 13.29 -3.03
CA PRO A 178 -19.09 14.21 -3.47
C PRO A 178 -18.30 14.85 -2.33
N ALA A 179 -18.79 14.79 -1.10
CA ALA A 179 -18.14 15.45 0.02
C ALA A 179 -17.10 14.59 0.72
N ILE A 180 -16.94 13.33 0.34
CA ILE A 180 -15.92 12.47 0.93
C ILE A 180 -14.60 12.71 0.20
N GLN A 181 -13.59 13.23 0.91
CA GLN A 181 -12.27 13.46 0.34
C GLN A 181 -11.44 12.18 0.43
N VAL A 182 -11.08 11.63 -0.73
CA VAL A 182 -10.29 10.39 -0.81
C VAL A 182 -8.81 10.75 -0.96
N ARG A 183 -7.96 10.13 -0.14
CA ARG A 183 -6.51 10.35 -0.13
C ARG A 183 -5.82 8.99 0.02
N GLY A 184 -4.53 8.94 -0.35
CA GLY A 184 -3.74 7.71 -0.24
C GLY A 184 -2.51 7.84 0.64
N LEU A 185 -2.12 6.72 1.26
CA LEU A 185 -0.89 6.62 2.03
C LEU A 185 -0.18 5.32 1.63
N ALA A 186 0.91 5.44 0.88
CA ALA A 186 1.60 4.27 0.30
C ALA A 186 2.91 4.04 1.05
N ASP A 187 2.99 2.94 1.83
CA ASP A 187 4.15 2.62 2.68
C ASP A 187 4.91 1.44 2.06
N SER A 188 6.19 1.64 1.75
CA SER A 188 7.08 0.55 1.32
C SER A 188 6.62 -0.13 0.03
N GLY A 189 5.98 0.62 -0.86
CA GLY A 189 5.55 0.09 -2.13
C GLY A 189 6.09 0.84 -3.34
N TRP A 190 7.16 1.62 -3.15
CA TRP A 190 7.76 2.49 -4.17
C TRP A 190 9.11 1.93 -4.58
N PHE A 191 9.14 1.17 -5.69
CA PHE A 191 10.31 0.40 -6.10
C PHE A 191 10.92 0.93 -7.40
N LEU A 192 12.18 0.55 -7.62
CA LEU A 192 12.94 0.89 -8.81
C LEU A 192 13.12 -0.33 -9.70
N ASP A 193 12.89 -0.14 -11.02
CA ASP A 193 13.16 -1.19 -12.01
C ASP A 193 14.62 -1.07 -12.50
N ASN A 194 15.54 -1.31 -11.55
CA ASN A 194 16.96 -1.07 -11.77
C ASN A 194 17.71 -2.36 -12.11
N LYS A 195 18.99 -2.20 -12.45
CA LYS A 195 19.88 -3.33 -12.69
C LYS A 195 20.27 -3.98 -11.36
N GLN A 196 20.29 -5.30 -11.34
CA GLN A 196 20.67 -6.04 -10.15
C GLN A 196 22.18 -5.98 -9.92
N TYR A 197 22.57 -6.13 -8.65
CA TYR A 197 24.00 -6.15 -8.31
C TYR A 197 24.67 -7.39 -8.87
N ARG A 198 24.01 -8.55 -8.76
CA ARG A 198 24.39 -9.78 -9.45
C ARG A 198 23.20 -10.36 -10.17
N PRO A 210 12.43 -9.75 -12.11
CA PRO A 210 11.25 -9.17 -11.47
C PRO A 210 10.28 -8.55 -12.47
N THR A 211 10.79 -7.83 -13.46
CA THR A 211 9.91 -7.25 -14.47
C THR A 211 9.27 -8.33 -15.34
N GLU A 212 9.95 -9.45 -15.55
CA GLU A 212 9.32 -10.54 -16.29
C GLU A 212 8.19 -11.19 -15.49
N ALA A 213 8.34 -11.26 -14.16
CA ALA A 213 7.28 -11.82 -13.33
C ALA A 213 6.02 -10.96 -13.36
N ILE A 214 6.16 -9.64 -13.34
CA ILE A 214 4.97 -8.80 -13.34
C ILE A 214 4.32 -8.76 -14.71
N ARG A 215 5.12 -8.83 -15.78
CA ARG A 215 4.52 -8.89 -17.12
C ARG A 215 3.66 -10.14 -17.26
N ARG A 216 4.17 -11.28 -16.80
CA ARG A 216 3.38 -12.51 -16.84
C ARG A 216 2.17 -12.42 -15.91
N GLY A 217 2.38 -11.90 -14.71
CA GLY A 217 1.29 -11.83 -13.74
C GLY A 217 0.11 -11.00 -14.21
N ILE A 218 0.37 -9.83 -14.79
CA ILE A 218 -0.74 -8.99 -15.23
C ILE A 218 -1.65 -9.75 -16.20
N ARG A 219 -1.07 -10.53 -17.11
CA ARG A 219 -1.89 -11.30 -18.04
C ARG A 219 -2.66 -12.40 -17.32
N TYR A 220 -2.02 -13.04 -16.34
CA TYR A 220 -2.64 -14.14 -15.59
C TYR A 220 -3.80 -13.66 -14.73
N TRP A 221 -3.72 -12.44 -14.19
CA TRP A 221 -4.71 -11.90 -13.28
C TRP A 221 -5.81 -11.12 -13.98
N ASN A 222 -5.67 -10.84 -15.28
CA ASN A 222 -6.42 -9.77 -15.93
C ASN A 222 -6.27 -8.48 -15.13
N GLY A 223 -5.02 -8.10 -14.86
CA GLY A 223 -4.76 -6.96 -13.98
C GLY A 223 -5.10 -5.64 -14.63
N VAL A 224 -5.58 -4.70 -13.80
CA VAL A 224 -5.99 -3.36 -14.25
C VAL A 224 -5.16 -2.30 -13.55
N VAL A 225 -4.78 -1.26 -14.29
CA VAL A 225 -3.99 -0.15 -13.76
C VAL A 225 -4.75 1.15 -14.00
N PRO A 226 -4.35 2.26 -13.35
CA PRO A 226 -5.08 3.53 -13.50
C PRO A 226 -5.12 4.01 -14.95
N GLU A 227 -6.24 4.63 -15.31
CA GLU A 227 -6.54 4.91 -16.72
C GLU A 227 -5.54 5.87 -17.36
N ARG A 228 -5.14 6.95 -16.68
CA ARG A 228 -4.21 7.89 -17.31
C ARG A 228 -2.84 7.23 -17.54
N CYS A 229 -2.38 6.43 -16.58
CA CYS A 229 -1.13 5.70 -16.75
C CYS A 229 -1.23 4.66 -17.86
N ARG A 230 -2.35 3.94 -17.93
CA ARG A 230 -2.56 3.01 -19.03
C ARG A 230 -2.48 3.72 -20.39
N ARG A 231 -3.05 4.92 -20.49
CA ARG A 231 -3.07 5.64 -21.76
C ARG A 231 -1.69 6.17 -22.15
N GLN A 232 -0.81 6.40 -21.17
CA GLN A 232 0.55 6.83 -21.47
C GLN A 232 1.40 5.70 -22.04
N PHE A 233 1.33 4.52 -21.41
CA PHE A 233 2.24 3.44 -21.75
C PHE A 233 1.68 2.49 -22.81
N GLN A 234 0.35 2.36 -22.88
CA GLN A 234 -0.39 1.70 -23.96
C GLN A 234 -0.26 0.18 -23.91
N GLU A 235 -0.90 -0.50 -24.86
CA GLU A 235 -1.08 -1.95 -24.75
C GLU A 235 0.25 -2.67 -24.70
N GLY A 236 0.33 -3.68 -23.81
CA GLY A 236 1.53 -4.45 -23.62
C GLY A 236 2.50 -3.89 -22.61
N GLU A 237 2.36 -2.62 -22.25
CA GLU A 237 3.34 -1.97 -21.39
C GLU A 237 2.73 -1.52 -20.05
N GLU A 238 1.57 -2.08 -19.66
CA GLU A 238 0.93 -1.65 -18.41
C GLU A 238 1.76 -1.96 -17.17
N TRP A 239 2.69 -2.92 -17.26
CA TRP A 239 3.57 -3.25 -16.13
C TRP A 239 4.29 -2.03 -15.59
N ASN A 240 4.54 -1.05 -16.46
CA ASN A 240 5.20 0.19 -16.03
C ASN A 240 4.47 0.85 -14.87
N CYS A 241 3.13 0.75 -14.85
CA CYS A 241 2.33 1.44 -13.85
C CYS A 241 2.42 0.82 -12.46
N PHE A 242 3.13 -0.32 -12.29
CA PHE A 242 3.39 -0.88 -10.96
C PHE A 242 4.58 -0.23 -10.27
N PHE A 243 5.32 0.64 -10.98
CA PHE A 243 6.46 1.32 -10.38
C PHE A 243 6.07 2.74 -10.00
N GLY A 244 6.23 3.05 -8.70
CA GLY A 244 5.68 4.29 -8.14
C GLY A 244 6.07 5.54 -8.91
N TYR A 245 7.35 5.66 -9.29
CA TYR A 245 7.76 6.91 -9.93
C TYR A 245 7.15 7.09 -11.31
N LYS A 246 6.60 6.03 -11.92
CA LYS A 246 5.93 6.17 -13.21
C LYS A 246 4.43 6.40 -13.08
N VAL A 247 3.79 5.81 -12.08
CA VAL A 247 2.34 5.94 -11.93
C VAL A 247 1.94 7.17 -11.11
N TYR A 248 2.76 7.56 -10.11
CA TYR A 248 2.40 8.68 -9.24
C TYR A 248 2.12 10.00 -9.98
N PRO A 249 2.91 10.43 -10.99
CA PRO A 249 2.59 11.72 -11.65
C PRO A 249 1.22 11.74 -12.33
N THR A 250 0.61 10.58 -12.60
CA THR A 250 -0.67 10.52 -13.30
C THR A 250 -1.87 10.61 -12.35
N LEU A 251 -1.65 10.56 -11.04
CA LEU A 251 -2.74 10.45 -10.07
C LEU A 251 -3.30 11.81 -9.70
N ARG A 252 -4.63 11.87 -9.51
CA ARG A 252 -5.31 13.10 -9.11
C ARG A 252 -5.50 13.25 -7.60
N SER A 253 -5.69 12.13 -6.86
CA SER A 253 -5.91 12.21 -5.42
C SER A 253 -4.61 12.53 -4.69
N PRO A 254 -4.68 13.24 -3.56
CA PRO A 254 -3.46 13.45 -2.74
C PRO A 254 -2.92 12.12 -2.22
N VAL A 255 -1.61 11.90 -2.38
CA VAL A 255 -0.95 10.68 -1.92
C VAL A 255 0.35 11.01 -1.17
N PHE A 256 0.46 10.51 0.06
CA PHE A 256 1.67 10.60 0.88
C PHE A 256 2.49 9.32 0.70
N VAL A 257 3.78 9.44 0.41
CA VAL A 257 4.65 8.29 0.12
C VAL A 257 5.65 8.12 1.26
N VAL A 258 5.63 6.94 1.89
CA VAL A 258 6.63 6.53 2.88
C VAL A 258 7.51 5.47 2.24
N GLN A 259 8.84 5.70 2.19
CA GLN A 259 9.74 4.71 1.58
C GLN A 259 11.12 4.77 2.21
N TRP A 260 11.57 3.66 2.80
CA TRP A 260 12.97 3.62 3.24
C TRP A 260 13.88 3.75 2.01
N LEU A 261 14.99 4.51 2.17
CA LEU A 261 15.89 4.65 1.03
C LEU A 261 16.60 3.34 0.67
N PHE A 262 16.76 2.43 1.62
CA PHE A 262 17.42 1.14 1.41
C PHE A 262 16.45 0.03 1.81
N ASP A 263 15.36 -0.08 1.07
CA ASP A 263 14.31 -1.02 1.39
C ASP A 263 14.80 -2.45 1.23
N GLU A 264 14.50 -3.29 2.24
CA GLU A 264 14.99 -4.67 2.22
C GLU A 264 14.43 -5.48 1.05
N ALA A 265 13.19 -5.21 0.61
CA ALA A 265 12.67 -6.00 -0.50
C ALA A 265 13.33 -5.59 -1.81
N GLN A 266 13.63 -4.30 -1.94
CA GLN A 266 14.40 -3.80 -3.08
C GLN A 266 15.79 -4.45 -3.14
N LEU A 267 16.49 -4.51 -2.00
CA LEU A 267 17.82 -5.10 -1.98
C LEU A 267 17.77 -6.62 -2.22
N THR A 268 16.71 -7.30 -1.77
CA THR A 268 16.59 -8.73 -2.04
C THR A 268 16.48 -9.02 -3.53
N VAL A 269 15.57 -8.31 -4.23
CA VAL A 269 15.45 -8.55 -5.66
C VAL A 269 16.67 -8.05 -6.41
N ASP A 270 17.43 -7.11 -5.85
CA ASP A 270 18.70 -6.69 -6.44
C ASP A 270 19.85 -7.64 -6.13
N ASN A 271 19.61 -8.70 -5.34
CA ASN A 271 20.61 -9.72 -4.96
C ASN A 271 21.75 -9.10 -4.14
N VAL A 272 21.39 -8.23 -3.18
CA VAL A 272 22.33 -7.62 -2.25
C VAL A 272 22.10 -8.23 -0.87
N HIS A 273 23.17 -8.77 -0.28
CA HIS A 273 23.13 -9.38 1.06
C HIS A 273 24.33 -8.89 1.86
N LEU A 274 24.06 -8.10 2.90
CA LEU A 274 25.12 -7.57 3.75
C LEU A 274 25.57 -8.59 4.80
N VAL A 279 32.58 -4.16 3.27
CA VAL A 279 31.91 -3.94 1.98
C VAL A 279 32.94 -3.39 1.00
N GLN A 280 33.11 -4.05 -0.14
CA GLN A 280 34.12 -3.63 -1.11
C GLN A 280 33.56 -2.51 -2.01
N GLU A 281 34.45 -1.91 -2.79
CA GLU A 281 34.12 -0.68 -3.53
C GLU A 281 32.93 -0.88 -4.47
N GLY A 282 32.88 -1.99 -5.20
CA GLY A 282 31.78 -2.19 -6.13
C GLY A 282 30.41 -2.18 -5.47
N LEU A 283 30.28 -2.88 -4.33
CA LEU A 283 28.99 -2.90 -3.63
C LEU A 283 28.72 -1.57 -2.95
N ARG A 284 29.76 -0.92 -2.41
CA ARG A 284 29.56 0.40 -1.81
C ARG A 284 28.96 1.36 -2.83
N LEU A 285 29.55 1.43 -4.03
CA LEU A 285 29.02 2.32 -5.06
C LEU A 285 27.61 1.92 -5.47
N TYR A 286 27.32 0.62 -5.54
CA TYR A 286 25.96 0.16 -5.90
C TYR A 286 24.93 0.65 -4.90
N ILE A 287 25.20 0.48 -3.60
CA ILE A 287 24.28 0.89 -2.55
C ILE A 287 24.11 2.42 -2.53
N GLN A 288 25.20 3.15 -2.67
CA GLN A 288 25.12 4.62 -2.65
C GLN A 288 24.32 5.14 -3.85
N ASN A 289 24.49 4.53 -5.02
CA ASN A 289 23.72 4.92 -6.20
C ASN A 289 22.25 4.58 -6.05
N LEU A 290 21.90 3.46 -5.42
CA LEU A 290 20.50 3.13 -5.17
C LEU A 290 19.82 4.21 -4.33
N GLY A 291 20.45 4.63 -3.23
CA GLY A 291 19.87 5.68 -2.40
C GLY A 291 19.72 6.99 -3.16
N ARG A 292 20.72 7.35 -3.97
CA ARG A 292 20.65 8.59 -4.75
C ARG A 292 19.50 8.54 -5.74
N GLU A 293 19.32 7.40 -6.42
CA GLU A 293 18.23 7.28 -7.38
C GLU A 293 16.86 7.35 -6.70
N LEU A 294 16.69 6.66 -5.57
N LEU A 294 16.69 6.67 -5.56
CA LEU A 294 15.44 6.73 -4.83
CA LEU A 294 15.41 6.76 -4.86
C LEU A 294 15.14 8.16 -4.40
C LEU A 294 15.14 8.18 -4.40
N ARG A 295 16.15 8.86 -3.86
CA ARG A 295 15.96 10.25 -3.44
C ARG A 295 15.57 11.15 -4.63
N HIS A 296 16.15 10.90 -5.81
CA HIS A 296 15.79 11.66 -7.01
C HIS A 296 14.33 11.46 -7.40
N THR A 297 13.82 10.21 -7.33
CA THR A 297 12.43 9.98 -7.70
C THR A 297 11.44 10.67 -6.77
N LEU A 298 11.88 11.06 -5.56
CA LEU A 298 10.99 11.69 -4.59
C LEU A 298 11.10 13.20 -4.61
N LYS A 299 11.93 13.78 -5.47
CA LYS A 299 12.19 15.22 -5.41
C LYS A 299 10.93 16.02 -5.67
N ASP A 300 10.05 15.53 -6.55
CA ASP A 300 8.81 16.22 -6.89
C ASP A 300 7.60 15.59 -6.23
N VAL A 301 7.79 14.90 -5.10
CA VAL A 301 6.69 14.35 -4.34
C VAL A 301 6.55 15.19 -3.08
N PRO A 302 5.58 16.11 -3.00
CA PRO A 302 5.60 17.10 -1.91
C PRO A 302 5.23 16.52 -0.55
N ALA A 303 4.51 15.40 -0.48
CA ALA A 303 4.20 14.76 0.80
C ALA A 303 4.92 13.41 0.83
N SER A 304 6.04 13.33 1.57
CA SER A 304 6.84 12.11 1.57
C SER A 304 7.74 12.05 2.80
N PHE A 305 8.12 10.82 3.16
CA PHE A 305 8.93 10.52 4.35
C PHE A 305 9.87 9.37 3.96
N ALA A 306 11.16 9.65 3.85
CA ALA A 306 12.11 8.70 3.28
C ALA A 306 13.41 8.68 4.06
N PRO A 307 13.48 7.88 5.13
CA PRO A 307 14.70 7.84 5.95
C PRO A 307 15.79 6.94 5.39
N ALA A 308 17.03 7.27 5.74
CA ALA A 308 18.20 6.54 5.24
C ALA A 308 18.49 5.35 6.15
N CYS A 309 17.64 4.32 6.00
CA CYS A 309 17.66 3.10 6.79
C CYS A 309 17.46 1.87 5.92
N LEU A 310 18.03 0.76 6.39
CA LEU A 310 17.75 -0.57 5.86
C LEU A 310 16.61 -1.17 6.69
N SER A 311 15.42 -1.29 6.11
CA SER A 311 14.23 -1.78 6.81
C SER A 311 13.13 -2.07 5.78
N HIS A 312 11.94 -2.44 6.25
CA HIS A 312 10.82 -2.73 5.36
C HIS A 312 9.53 -2.63 6.16
N GLU A 313 8.57 -1.85 5.62
CA GLU A 313 7.27 -1.52 6.21
C GLU A 313 7.42 -0.67 7.47
N ILE A 314 6.37 0.06 7.86
CA ILE A 314 6.42 0.80 9.12
C ILE A 314 5.05 1.12 9.71
N ILE A 315 4.04 1.42 8.89
CA ILE A 315 2.92 2.16 9.46
C ILE A 315 2.03 1.34 10.41
N ILE A 316 2.00 0.00 10.35
CA ILE A 316 1.26 -0.73 11.38
C ILE A 316 2.18 -1.38 12.42
N ARG A 317 3.45 -1.01 12.46
CA ARG A 317 4.30 -1.46 13.55
C ARG A 317 4.08 -0.59 14.79
N SER A 318 4.07 -1.22 15.97
CA SER A 318 3.73 -0.50 17.18
C SER A 318 4.71 0.64 17.47
N HIS A 319 5.99 0.49 17.09
CA HIS A 319 6.99 1.53 17.35
C HIS A 319 7.22 2.44 16.15
N TRP A 320 6.21 2.61 15.28
CA TRP A 320 6.30 3.52 14.14
C TRP A 320 6.50 4.98 14.56
N THR A 321 6.26 5.31 15.83
CA THR A 321 6.43 6.65 16.37
C THR A 321 7.89 7.05 16.55
N ASP A 322 8.82 6.10 16.44
CA ASP A 322 10.21 6.31 16.87
C ASP A 322 11.09 6.96 15.80
N VAL A 323 10.86 6.68 14.52
CA VAL A 323 11.78 7.18 13.50
C VAL A 323 11.48 8.64 13.19
N GLN A 324 12.54 9.40 12.91
CA GLN A 324 12.43 10.82 12.61
C GLN A 324 13.35 11.16 11.44
N VAL A 325 12.91 12.10 10.61
CA VAL A 325 13.77 12.72 9.59
C VAL A 325 13.86 14.21 9.88
N LYS A 326 15.08 14.72 10.00
CA LYS A 326 15.30 16.14 10.29
C LYS A 326 14.56 16.58 11.55
N GLY A 327 14.43 15.68 12.53
CA GLY A 327 13.75 15.98 13.78
C GLY A 327 12.24 15.86 13.79
N THR A 328 11.64 15.40 12.69
CA THR A 328 10.18 15.24 12.58
C THR A 328 9.80 13.77 12.44
N SER A 329 8.89 13.30 13.29
CA SER A 329 8.41 11.93 13.24
C SER A 329 7.40 11.73 12.12
N LEU A 330 7.12 10.45 11.79
CA LEU A 330 6.13 10.15 10.76
C LEU A 330 4.72 10.56 11.19
N PRO A 331 4.24 10.25 12.41
CA PRO A 331 2.91 10.76 12.80
C PRO A 331 2.81 12.28 12.73
N ARG A 332 3.88 13.01 13.07
CA ARG A 332 3.83 14.46 12.93
C ARG A 332 3.71 14.87 11.47
N ALA A 333 4.52 14.25 10.59
CA ALA A 333 4.47 14.60 9.17
C ALA A 333 3.08 14.36 8.58
N LEU A 334 2.41 13.26 8.99
CA LEU A 334 1.05 13.00 8.51
C LEU A 334 0.06 14.03 9.03
N HIS A 335 0.22 14.47 10.30
CA HIS A 335 -0.61 15.55 10.83
C HIS A 335 -0.39 16.85 10.05
N CYS A 336 0.87 17.16 9.71
CA CYS A 336 1.15 18.36 8.93
C CYS A 336 0.53 18.27 7.53
N TRP A 337 0.56 17.09 6.93
CA TRP A 337 -0.14 16.83 5.67
C TRP A 337 -1.62 17.16 5.79
N ASP A 338 -2.29 16.64 6.84
CA ASP A 338 -3.70 16.98 7.07
C ASP A 338 -3.91 18.49 7.06
N ARG A 339 -3.03 19.23 7.74
CA ARG A 339 -3.18 20.69 7.83
C ARG A 339 -2.99 21.34 6.47
N SER A 340 -2.08 20.81 5.66
CA SER A 340 -1.83 21.36 4.34
C SER A 340 -3.01 21.19 3.40
N LEU A 341 -3.90 20.22 3.67
CA LEU A 341 -5.05 19.96 2.82
C LEU A 341 -6.33 20.66 3.29
N HIS A 342 -6.26 21.44 4.36
CA HIS A 342 -7.37 22.33 4.71
C HIS A 342 -7.68 23.31 3.59
N THR A 350 2.24 29.16 1.59
CA THR A 350 1.68 27.82 1.44
C THR A 350 2.35 26.78 2.38
N PRO A 351 3.68 26.78 2.53
CA PRO A 351 4.28 25.88 3.54
C PRO A 351 3.99 26.38 4.95
N LEU A 352 3.96 25.43 5.88
CA LEU A 352 3.59 25.71 7.27
C LEU A 352 4.82 25.88 8.15
N LYS A 353 4.78 26.90 9.01
CA LYS A 353 5.86 27.15 9.96
C LYS A 353 6.00 25.97 10.94
N GLY A 354 7.15 25.33 10.92
CA GLY A 354 7.44 24.26 11.87
C GLY A 354 6.69 22.96 11.66
N CYS A 355 5.98 22.80 10.54
CA CYS A 355 5.16 21.61 10.30
C CYS A 355 5.41 21.10 8.88
N PRO A 356 6.53 20.42 8.66
CA PRO A 356 6.90 20.02 7.30
C PRO A 356 6.19 18.75 6.83
N VAL A 357 6.12 18.61 5.51
CA VAL A 357 5.47 17.47 4.87
C VAL A 357 6.39 16.72 3.92
N HIS A 358 7.51 17.33 3.46
CA HIS A 358 8.48 16.70 2.57
C HIS A 358 9.76 16.46 3.36
N LEU A 359 10.04 15.19 3.68
CA LEU A 359 11.11 14.83 4.63
C LEU A 359 11.93 13.67 4.02
N VAL A 360 13.00 13.99 3.31
CA VAL A 360 13.84 12.98 2.65
C VAL A 360 15.27 13.16 3.14
N ASP A 361 15.86 12.07 3.68
CA ASP A 361 17.25 12.13 4.15
C ASP A 361 18.21 12.34 2.99
N SER A 362 19.27 13.14 3.24
CA SER A 362 20.31 13.38 2.25
C SER A 362 21.56 12.52 2.47
N CYS A 363 21.74 11.97 3.67
CA CYS A 363 22.98 11.23 3.92
C CYS A 363 22.95 9.88 3.20
N PRO A 364 24.11 9.37 2.77
CA PRO A 364 24.14 8.39 1.68
C PRO A 364 24.32 6.91 2.07
N TRP A 365 24.22 6.53 3.34
CA TRP A 365 24.51 5.14 3.75
C TRP A 365 23.50 4.65 4.78
N PRO A 366 23.10 3.38 4.76
CA PRO A 366 22.11 2.91 5.74
C PRO A 366 22.56 3.19 7.18
N HIS A 367 21.61 3.71 7.97
CA HIS A 367 21.77 4.08 9.37
C HIS A 367 22.65 5.32 9.60
N CYS A 368 22.85 6.14 8.56
CA CYS A 368 23.37 7.48 8.79
C CYS A 368 22.36 8.38 9.48
N ASN A 369 21.10 7.95 9.53
CA ASN A 369 20.07 8.54 10.37
C ASN A 369 20.07 7.84 11.72
N PRO A 370 20.38 8.54 12.82
CA PRO A 370 20.51 7.84 14.12
C PRO A 370 19.21 7.21 14.62
N SER A 371 18.06 7.60 14.11
CA SER A 371 16.78 7.12 14.62
C SER A 371 16.28 5.86 13.91
N CYS A 372 17.09 5.29 13.00
CA CYS A 372 16.69 4.10 12.28
C CYS A 372 16.35 2.96 13.25
N PRO A 373 15.42 2.07 12.89
CA PRO A 373 15.17 0.90 13.73
C PRO A 373 16.39 0.00 13.79
N THR A 374 16.55 -0.68 14.92
CA THR A 374 17.67 -1.60 15.09
C THR A 374 17.28 -3.02 14.70
S SO4 B . -1.18 -20.77 6.44
O1 SO4 B . -1.36 -19.36 6.09
O2 SO4 B . -2.49 -21.36 6.71
O3 SO4 B . -0.56 -21.47 5.31
O4 SO4 B . -0.34 -20.88 7.63
S DMS C . 8.54 21.19 4.01
O DMS C . 7.53 20.19 3.53
C1 DMS C . 7.90 22.85 3.67
C2 DMS C . 9.97 21.16 2.90
S DMS D . -7.11 12.00 16.05
O DMS D . -7.99 10.85 15.65
C1 DMS D . -8.01 12.98 17.28
C2 DMS D . -7.07 13.16 14.66
S SO4 E . 16.59 17.89 0.90
O1 SO4 E . 17.35 17.64 2.13
O2 SO4 E . 15.67 19.01 1.11
O3 SO4 E . 17.51 18.22 -0.18
O4 SO4 E . 15.81 16.70 0.56
S SO4 F . -4.58 -22.21 -14.35
O1 SO4 F . -4.33 -21.59 -13.06
O2 SO4 F . -5.99 -22.05 -14.70
O3 SO4 F . -3.72 -21.62 -15.37
O4 SO4 F . -4.27 -23.64 -14.27
S SO4 G . 37.65 -0.85 -0.91
O1 SO4 G . 36.55 -0.99 0.05
O2 SO4 G . 37.69 0.52 -1.42
O3 SO4 G . 38.94 -1.13 -0.26
O4 SO4 G . 37.46 -1.80 -2.02
S SO4 H . -10.30 3.07 -14.14
O1 SO4 H . -10.12 4.33 -13.43
O2 SO4 H . -10.89 3.33 -15.44
O3 SO4 H . -8.99 2.40 -14.30
O4 SO4 H . -11.18 2.19 -13.37
N1 NUM I . 8.68 -5.60 -9.42
C4 NUM I . 5.96 -4.76 -8.89
C5 NUM I . 6.54 -5.01 -10.29
C6 NUM I . 7.68 -6.04 -10.37
C7 NUM I . 8.92 -6.26 -8.17
C8 NUM I . 9.98 -5.60 -7.30
C10 NUM I . 11.79 -4.08 -7.14
C13 NUM I . 6.08 -3.53 -8.27
C1 NUM I . 4.87 -4.35 -6.37
C11 NUM I . 11.81 -4.35 -5.78
C12 NUM I . 10.92 -5.25 -5.24
C14 NUM I . 5.54 -3.32 -7.01
C2 NUM I . 4.73 -5.58 -6.99
C3 NUM I . 5.28 -5.80 -8.24
C9 NUM I . 10.83 -4.71 -7.92
N2 NUM I . 10.02 -5.85 -6.00
O1 NUM I . 4.31 -4.16 -5.09
O2 NUM I . 8.33 -7.22 -7.82
#